data_5M9N
#
_entry.id   5M9N
#
_cell.length_a   42.910
_cell.length_b   52.962
_cell.length_c   59.619
_cell.angle_alpha   64.94
_cell.angle_beta   88.85
_cell.angle_gamma   67.67
#
_symmetry.space_group_name_H-M   'P 1'
#
loop_
_entity.id
_entity.type
_entity.pdbx_description
1 polymer 'Tudor domain-containing protein 1'
2 polymer 'E2F peptide'
3 non-polymer 1,2-ETHANEDIOL
4 non-polymer 'N3, N4-DIMETHYLARGININE'
5 water water
#
loop_
_entity_poly.entity_id
_entity_poly.type
_entity_poly.pdbx_seq_one_letter_code
_entity_poly.pdbx_strand_id
1 'polypeptide(L)'
;DQSDPEDVGKMTTENNIVVDKSDLIPKVLTLNVGDEFCGVVAHIQTPEDFFCQQLQSGRKLAELQASLSKYCDQLPPRSD
FYPAIGDICCAQFSEDDQWYRASVLAYASEESVLVGYVDYGNFEILSLMRLCPIIPKLLELPMQAIKCVLAGVKPSLGIW
TPEAICLMKKLVQNKIITVKVVDKLENSSLVELIDKSETPHVSVSKVLLDAGFAVGEQSM
;
A,B
2 'polypeptide(L)' SSGPARG(2MR)G(2MR)HPGKGVK C
#
# COMPACT_ATOMS: atom_id res chain seq x y z
N ASN A 16 -11.13 -14.92 28.82
CA ASN A 16 -11.92 -15.65 27.74
C ASN A 16 -11.03 -16.37 26.71
N ILE A 17 -10.65 -15.71 25.61
CA ILE A 17 -9.99 -16.38 24.49
C ILE A 17 -8.50 -16.08 24.47
N VAL A 18 -7.69 -17.12 24.59
CA VAL A 18 -6.25 -16.99 24.56
C VAL A 18 -5.88 -17.46 23.18
N VAL A 19 -5.39 -16.55 22.35
CA VAL A 19 -5.17 -16.83 20.94
C VAL A 19 -3.69 -17.05 20.60
N ASP A 20 -3.40 -18.26 20.11
CA ASP A 20 -2.14 -18.52 19.45
C ASP A 20 -2.27 -17.85 18.09
N LYS A 21 -1.39 -16.90 17.80
CA LYS A 21 -1.34 -16.25 16.51
C LYS A 21 -0.97 -17.21 15.35
N SER A 22 -0.35 -18.34 15.66
CA SER A 22 -0.22 -19.44 14.70
C SER A 22 -1.58 -19.87 14.20
N ASP A 23 -2.58 -19.85 15.07
CA ASP A 23 -3.93 -20.18 14.69
C ASP A 23 -4.70 -19.06 13.95
N LEU A 24 -4.04 -17.96 13.55
CA LEU A 24 -4.73 -16.87 12.86
C LEU A 24 -4.39 -16.83 11.39
N ILE A 25 -4.47 -18.00 10.76
CA ILE A 25 -4.13 -18.18 9.35
C ILE A 25 -5.41 -17.96 8.58
N PRO A 26 -5.47 -16.91 7.76
CA PRO A 26 -6.61 -16.83 6.86
C PRO A 26 -6.59 -17.94 5.78
N LYS A 27 -7.77 -18.34 5.37
CA LYS A 27 -7.97 -19.37 4.35
C LYS A 27 -8.11 -18.71 2.98
N VAL A 28 -7.84 -19.46 1.91
CA VAL A 28 -7.79 -18.92 0.54
C VAL A 28 -8.71 -19.73 -0.34
N LEU A 29 -9.50 -19.03 -1.16
CA LEU A 29 -10.31 -19.72 -2.14
C LEU A 29 -9.38 -20.52 -3.07
N THR A 30 -9.70 -21.79 -3.23
CA THR A 30 -9.09 -22.67 -4.21
C THR A 30 -9.70 -22.20 -5.50
N LEU A 31 -8.84 -21.72 -6.39
CA LEU A 31 -9.18 -21.35 -7.74
C LEU A 31 -8.22 -22.13 -8.60
N ASN A 32 -8.71 -23.20 -9.20
CA ASN A 32 -7.90 -24.00 -10.12
C ASN A 32 -7.92 -23.34 -11.50
N VAL A 33 -6.82 -23.55 -12.25
CA VAL A 33 -6.77 -23.11 -13.63
C VAL A 33 -7.96 -23.79 -14.35
N GLY A 34 -8.64 -23.05 -15.22
CA GLY A 34 -9.82 -23.56 -15.88
C GLY A 34 -11.11 -23.39 -15.10
N ASP A 35 -11.08 -23.05 -13.80
CA ASP A 35 -12.32 -22.71 -13.10
C ASP A 35 -12.93 -21.49 -13.75
N GLU A 36 -14.24 -21.55 -13.92
CA GLU A 36 -15.02 -20.38 -14.24
C GLU A 36 -15.99 -20.17 -13.08
N PHE A 37 -16.29 -18.93 -12.77
CA PHE A 37 -17.38 -18.69 -11.80
C PHE A 37 -18.06 -17.41 -12.18
N CYS A 38 -19.30 -17.28 -11.74
CA CYS A 38 -20.03 -16.02 -11.91
C CYS A 38 -19.60 -15.17 -10.74
N GLY A 39 -19.11 -13.96 -11.03
CA GLY A 39 -18.80 -13.03 -9.97
C GLY A 39 -18.98 -11.59 -10.31
N VAL A 40 -18.48 -10.75 -9.40
CA VAL A 40 -18.56 -9.32 -9.52
C VAL A 40 -17.16 -8.75 -9.35
N VAL A 41 -16.85 -7.70 -10.10
CA VAL A 41 -15.55 -7.01 -9.95
C VAL A 41 -15.87 -6.06 -8.79
N ALA A 42 -15.26 -6.30 -7.66
CA ALA A 42 -15.59 -5.55 -6.46
C ALA A 42 -14.78 -4.25 -6.35
N HIS A 43 -13.49 -4.27 -6.74
CA HIS A 43 -12.56 -3.15 -6.58
CA HIS A 43 -12.65 -3.08 -6.72
C HIS A 43 -11.52 -3.23 -7.71
N ILE A 44 -11.14 -2.09 -8.32
CA ILE A 44 -10.20 -2.03 -9.44
C ILE A 44 -9.17 -0.96 -9.18
N GLN A 45 -7.89 -1.34 -9.06
CA GLN A 45 -6.78 -0.37 -9.22
C GLN A 45 -6.44 -0.19 -10.67
N THR A 46 -6.07 -1.25 -11.34
CA THR A 46 -5.81 -1.22 -12.78
C THR A 46 -6.23 -2.57 -13.33
N PRO A 47 -6.11 -2.74 -14.64
CA PRO A 47 -6.30 -4.04 -15.22
C PRO A 47 -5.38 -5.12 -14.75
N GLU A 48 -4.23 -4.77 -14.18
CA GLU A 48 -3.34 -5.75 -13.58
C GLU A 48 -3.47 -5.82 -12.06
N ASP A 49 -4.41 -5.09 -11.47
CA ASP A 49 -4.58 -5.09 -10.04
C ASP A 49 -6.03 -4.82 -9.65
N PHE A 50 -6.81 -5.88 -9.49
CA PHE A 50 -8.23 -5.78 -9.21
C PHE A 50 -8.71 -7.00 -8.45
N PHE A 51 -9.98 -6.96 -7.99
CA PHE A 51 -10.52 -7.97 -7.08
C PHE A 51 -11.90 -8.37 -7.50
N CYS A 52 -12.17 -9.65 -7.45
CA CYS A 52 -13.49 -10.19 -7.81
C CYS A 52 -13.98 -10.90 -6.56
N GLN A 53 -15.30 -10.98 -6.44
CA GLN A 53 -15.93 -11.88 -5.53
C GLN A 53 -16.87 -12.82 -6.32
N GLN A 54 -17.05 -14.01 -5.77
CA GLN A 54 -17.93 -14.99 -6.27
C GLN A 54 -19.32 -14.53 -5.91
N LEU A 55 -20.21 -14.54 -6.87
CA LEU A 55 -21.58 -14.10 -6.61
C LEU A 55 -22.18 -14.95 -5.47
N GLN A 56 -21.85 -16.23 -5.40
CA GLN A 56 -22.42 -17.12 -4.38
C GLN A 56 -22.01 -16.78 -2.93
N SER A 57 -21.16 -15.74 -2.76
CA SER A 57 -20.69 -15.19 -1.48
C SER A 57 -21.60 -14.24 -0.73
N GLY A 58 -22.66 -13.74 -1.35
CA GLY A 58 -23.49 -12.71 -0.75
C GLY A 58 -24.02 -13.07 0.64
N ARG A 59 -24.51 -14.31 0.75
CA ARG A 59 -25.19 -14.75 1.97
C ARG A 59 -24.16 -15.10 3.03
N LYS A 60 -23.22 -15.97 2.65
CA LYS A 60 -22.11 -16.42 3.50
C LYS A 60 -21.33 -15.22 4.12
N LEU A 61 -21.25 -14.14 3.37
CA LEU A 61 -20.57 -12.92 3.77
C LEU A 61 -21.42 -12.01 4.63
N ALA A 62 -22.74 -11.92 4.35
CA ALA A 62 -23.64 -11.18 5.19
C ALA A 62 -23.69 -11.86 6.54
N GLU A 63 -23.58 -13.17 6.52
CA GLU A 63 -23.52 -14.00 7.73
C GLU A 63 -22.25 -13.71 8.57
N LEU A 64 -21.13 -13.62 7.88
CA LEU A 64 -19.84 -13.29 8.53
C LEU A 64 -19.94 -11.95 9.20
N GLN A 65 -20.39 -10.97 8.44
CA GLN A 65 -20.59 -9.61 8.92
C GLN A 65 -21.52 -9.54 10.13
N ALA A 66 -22.57 -10.37 10.17
CA ALA A 66 -23.40 -10.43 11.38
C ALA A 66 -22.62 -10.99 12.56
N SER A 67 -21.84 -12.04 12.32
CA SER A 67 -21.05 -12.63 13.38
C SER A 67 -19.99 -11.68 13.90
N LEU A 68 -19.40 -10.93 12.97
CA LEU A 68 -18.33 -9.98 13.32
C LEU A 68 -18.88 -8.85 14.23
N SER A 69 -20.09 -8.40 13.90
CA SER A 69 -20.79 -7.34 14.61
C SER A 69 -21.14 -7.83 16.00
N LYS A 70 -21.66 -9.04 16.09
CA LYS A 70 -21.97 -9.61 17.38
C LYS A 70 -20.75 -9.77 18.28
N TYR A 71 -19.65 -10.22 17.67
CA TYR A 71 -18.44 -10.53 18.37
C TYR A 71 -17.75 -9.25 18.83
N CYS A 72 -17.56 -8.29 17.91
CA CYS A 72 -16.89 -7.05 18.26
C CYS A 72 -17.67 -6.23 19.29
N ASP A 73 -19.01 -6.34 19.30
CA ASP A 73 -19.81 -5.67 20.34
C ASP A 73 -19.58 -6.15 21.78
N GLN A 74 -19.09 -7.37 21.95
CA GLN A 74 -18.80 -7.90 23.26
C GLN A 74 -17.42 -7.60 23.76
N LEU A 75 -16.59 -7.02 22.92
CA LEU A 75 -15.25 -6.57 23.33
C LEU A 75 -15.39 -5.17 23.97
N PRO A 76 -14.92 -5.00 25.23
CA PRO A 76 -14.99 -3.68 25.83
C PRO A 76 -13.86 -2.86 25.21
N PRO A 77 -14.15 -2.04 24.16
CA PRO A 77 -13.14 -1.59 23.19
C PRO A 77 -12.13 -0.55 23.73
N ARG A 78 -11.50 -0.89 24.86
CA ARG A 78 -10.58 -0.02 25.57
C ARG A 78 -9.15 -0.53 25.39
N SER A 79 -8.59 -0.18 24.24
CA SER A 79 -7.20 0.29 24.13
C SER A 79 -6.05 -0.73 24.29
N ASP A 80 -4.85 -0.27 23.91
CA ASP A 80 -3.62 -1.08 23.92
C ASP A 80 -3.64 -2.23 22.89
N PHE A 81 -4.55 -2.20 21.90
CA PHE A 81 -4.48 -3.14 20.77
C PHE A 81 -3.58 -2.55 19.66
N TYR A 82 -2.47 -3.24 19.44
CA TYR A 82 -1.48 -2.87 18.50
C TYR A 82 -1.15 -4.13 17.76
N PRO A 83 -1.92 -4.41 16.67
CA PRO A 83 -1.57 -5.55 15.82
C PRO A 83 -0.25 -5.37 15.08
N ALA A 84 0.38 -6.48 14.73
CA ALA A 84 1.60 -6.49 13.99
C ALA A 84 1.28 -6.39 12.54
N ILE A 85 2.29 -5.95 11.75
CA ILE A 85 2.20 -5.88 10.30
C ILE A 85 1.92 -7.26 9.81
N GLY A 86 0.89 -7.38 8.99
CA GLY A 86 0.45 -8.66 8.48
C GLY A 86 -0.55 -9.46 9.29
N ASP A 87 -1.00 -8.97 10.44
CA ASP A 87 -1.96 -9.69 11.21
C ASP A 87 -3.29 -9.49 10.48
N ILE A 88 -4.19 -10.46 10.67
CA ILE A 88 -5.62 -10.22 10.36
C ILE A 88 -6.27 -9.75 11.64
N CYS A 89 -7.14 -8.78 11.56
CA CYS A 89 -7.94 -8.34 12.72
C CYS A 89 -9.32 -7.93 12.22
N CYS A 90 -10.13 -7.32 13.07
CA CYS A 90 -11.40 -6.66 12.69
C CYS A 90 -11.15 -5.16 12.60
N ALA A 91 -11.70 -4.55 11.56
CA ALA A 91 -11.65 -3.14 11.30
C ALA A 91 -13.08 -2.62 11.04
N GLN A 92 -13.41 -1.47 11.64
CA GLN A 92 -14.72 -0.86 11.43
C GLN A 92 -14.66 0.17 10.29
N PHE A 93 -15.27 -0.18 9.18
CA PHE A 93 -15.24 0.58 7.94
C PHE A 93 -15.78 1.97 8.14
N SER A 94 -15.09 2.98 7.61
CA SER A 94 -15.49 4.34 7.90
C SER A 94 -16.89 4.69 7.34
N GLU A 95 -17.22 4.15 6.18
CA GLU A 95 -18.45 4.55 5.46
C GLU A 95 -19.77 3.97 6.01
N ASP A 96 -19.73 2.83 6.69
CA ASP A 96 -20.96 2.26 7.28
C ASP A 96 -20.78 1.85 8.75
N ASP A 97 -19.56 1.93 9.29
CA ASP A 97 -19.30 1.57 10.70
C ASP A 97 -19.55 0.15 11.06
N GLN A 98 -19.54 -0.72 10.05
CA GLN A 98 -19.70 -2.11 10.26
C GLN A 98 -18.30 -2.68 10.32
N TRP A 99 -18.20 -3.89 10.87
CA TRP A 99 -16.98 -4.58 11.13
C TRP A 99 -16.68 -5.57 9.98
N TYR A 100 -15.43 -5.57 9.54
CA TYR A 100 -14.96 -6.36 8.41
C TYR A 100 -13.66 -7.01 8.77
N ARG A 101 -13.26 -8.04 8.03
CA ARG A 101 -11.93 -8.64 8.20
C ARG A 101 -10.88 -7.82 7.45
N ALA A 102 -9.74 -7.60 8.13
CA ALA A 102 -8.80 -6.68 7.56
C ALA A 102 -7.36 -7.11 7.88
N SER A 103 -6.50 -6.95 6.88
CA SER A 103 -5.04 -7.19 7.01
C SER A 103 -4.37 -5.91 7.40
N VAL A 104 -3.49 -5.96 8.40
CA VAL A 104 -2.71 -4.78 8.79
C VAL A 104 -1.56 -4.54 7.81
N LEU A 105 -1.61 -3.48 7.00
CA LEU A 105 -0.60 -3.35 5.93
C LEU A 105 0.62 -2.54 6.39
N ALA A 106 0.42 -1.59 7.29
CA ALA A 106 1.43 -0.60 7.68
C ALA A 106 0.84 0.28 8.74
N TYR A 107 1.69 0.78 9.64
CA TYR A 107 1.22 1.85 10.51
C TYR A 107 1.40 3.16 9.77
N ALA A 108 0.36 3.99 9.76
CA ALA A 108 0.44 5.36 9.22
C ALA A 108 0.97 6.40 10.23
N SER A 109 0.71 6.16 11.50
CA SER A 109 1.30 6.96 12.58
C SER A 109 1.38 6.01 13.76
N GLU A 110 1.63 6.57 14.93
CA GLU A 110 1.63 5.77 16.14
C GLU A 110 0.26 5.27 16.48
N GLU A 111 -0.79 5.99 16.10
CA GLU A 111 -2.16 5.65 16.44
C GLU A 111 -3.12 5.31 15.25
N SER A 112 -2.59 5.02 14.07
CA SER A 112 -3.41 4.82 12.87
C SER A 112 -2.73 3.79 11.97
N VAL A 113 -3.54 2.99 11.26
CA VAL A 113 -3.00 1.88 10.48
C VAL A 113 -3.62 1.83 9.08
N LEU A 114 -2.83 1.51 8.06
CA LEU A 114 -3.33 1.23 6.70
C LEU A 114 -3.83 -0.20 6.72
N VAL A 115 -5.13 -0.41 6.43
CA VAL A 115 -5.66 -1.77 6.44
C VAL A 115 -6.31 -2.12 5.07
N GLY A 116 -6.18 -3.38 4.67
CA GLY A 116 -6.88 -3.91 3.46
C GLY A 116 -8.03 -4.81 3.84
N TYR A 117 -9.20 -4.54 3.27
CA TYR A 117 -10.39 -5.35 3.59
C TYR A 117 -10.34 -6.61 2.80
N VAL A 118 -10.05 -7.71 3.48
CA VAL A 118 -9.65 -8.92 2.77
C VAL A 118 -10.82 -9.63 2.04
N ASP A 119 -11.99 -9.24 2.36
CA ASP A 119 -13.19 -9.82 1.67
C ASP A 119 -13.75 -8.96 0.57
N TYR A 120 -13.15 -7.79 0.36
CA TYR A 120 -13.70 -6.78 -0.54
C TYR A 120 -12.67 -6.20 -1.45
N GLY A 121 -11.45 -5.96 -0.97
CA GLY A 121 -10.39 -5.48 -1.78
C GLY A 121 -10.02 -4.04 -1.68
N ASN A 122 -10.83 -3.26 -1.00
CA ASN A 122 -10.53 -1.88 -0.75
C ASN A 122 -9.63 -1.77 0.51
N PHE A 123 -9.22 -0.54 0.79
CA PHE A 123 -8.29 -0.23 1.85
C PHE A 123 -8.58 1.17 2.41
N GLU A 124 -8.13 1.45 3.64
CA GLU A 124 -8.15 2.80 4.18
C GLU A 124 -7.21 2.90 5.38
N ILE A 125 -7.08 4.09 5.90
CA ILE A 125 -6.31 4.35 7.12
C ILE A 125 -7.26 4.63 8.24
N LEU A 126 -7.11 3.90 9.32
CA LEU A 126 -8.00 3.92 10.44
C LEU A 126 -7.25 4.19 11.75
N SER A 127 -7.88 5.00 12.58
CA SER A 127 -7.59 5.02 14.00
C SER A 127 -7.54 3.61 14.60
N LEU A 128 -6.58 3.36 15.48
CA LEU A 128 -6.57 2.12 16.30
C LEU A 128 -7.86 1.84 17.08
N MET A 129 -8.63 2.88 17.37
CA MET A 129 -9.91 2.71 18.03
C MET A 129 -10.88 1.91 17.12
N ARG A 130 -10.64 1.86 15.80
CA ARG A 130 -11.54 1.16 14.85
C ARG A 130 -11.01 -0.23 14.54
N LEU A 131 -9.97 -0.68 15.27
CA LEU A 131 -9.52 -2.09 15.12
C LEU A 131 -9.83 -2.85 16.41
N CYS A 132 -10.08 -4.17 16.28
CA CYS A 132 -10.60 -5.13 17.30
C CYS A 132 -9.64 -6.34 16.97
N PRO A 133 -9.11 -7.07 17.96
CA PRO A 133 -8.54 -8.40 17.54
C PRO A 133 -9.61 -9.40 17.06
N ILE A 134 -9.16 -10.42 16.32
CA ILE A 134 -10.01 -11.46 15.73
C ILE A 134 -9.70 -12.76 16.45
N ILE A 135 -10.65 -13.68 16.36
CA ILE A 135 -10.45 -15.07 16.85
C ILE A 135 -10.53 -16.07 15.70
N PRO A 136 -9.94 -17.28 15.87
CA PRO A 136 -9.85 -18.21 14.74
C PRO A 136 -11.22 -18.69 14.23
N LYS A 137 -12.26 -18.70 15.06
CA LYS A 137 -13.61 -19.02 14.54
C LYS A 137 -13.98 -18.09 13.39
N LEU A 138 -13.61 -16.81 13.45
CA LEU A 138 -14.04 -15.87 12.43
C LEU A 138 -13.22 -15.92 11.14
N LEU A 139 -12.17 -16.76 11.12
CA LEU A 139 -11.36 -17.05 9.93
C LEU A 139 -11.73 -18.36 9.22
N GLU A 140 -12.86 -18.95 9.56
CA GLU A 140 -13.27 -20.18 8.92
C GLU A 140 -13.74 -19.95 7.47
N LEU A 141 -14.44 -18.85 7.19
CA LEU A 141 -14.72 -18.44 5.81
C LEU A 141 -13.41 -18.07 5.09
N PRO A 142 -13.15 -18.62 3.89
CA PRO A 142 -12.01 -18.09 3.16
C PRO A 142 -12.19 -16.64 2.78
N MET A 143 -11.06 -15.95 2.68
CA MET A 143 -11.05 -14.58 2.24
C MET A 143 -11.71 -14.39 0.87
N GLN A 144 -12.66 -13.47 0.80
CA GLN A 144 -13.50 -13.44 -0.37
C GLN A 144 -13.07 -12.53 -1.53
N ALA A 145 -12.11 -11.63 -1.36
CA ALA A 145 -11.69 -10.74 -2.43
C ALA A 145 -10.61 -11.48 -3.18
N ILE A 146 -10.88 -11.82 -4.43
CA ILE A 146 -9.95 -12.64 -5.21
C ILE A 146 -9.09 -11.68 -6.02
N LYS A 147 -7.76 -11.71 -5.81
CA LYS A 147 -6.85 -10.81 -6.49
CA LYS A 147 -6.84 -10.82 -6.48
C LYS A 147 -6.55 -11.33 -7.89
N CYS A 148 -6.73 -10.44 -8.88
CA CYS A 148 -6.73 -10.77 -10.27
C CYS A 148 -5.85 -9.85 -11.07
N VAL A 149 -5.33 -10.40 -12.18
CA VAL A 149 -4.68 -9.69 -13.22
C VAL A 149 -5.37 -10.11 -14.54
N LEU A 150 -5.66 -9.15 -15.39
CA LEU A 150 -6.41 -9.38 -16.60
C LEU A 150 -5.48 -10.01 -17.65
N ALA A 151 -5.79 -11.23 -18.09
CA ALA A 151 -5.03 -12.02 -19.12
C ALA A 151 -4.93 -11.36 -20.47
N GLY A 152 -3.76 -11.55 -21.10
CA GLY A 152 -3.53 -11.25 -22.52
C GLY A 152 -3.26 -9.80 -22.85
N VAL A 153 -3.12 -8.92 -21.86
CA VAL A 153 -3.01 -7.49 -22.12
C VAL A 153 -1.89 -6.83 -21.37
N LYS A 154 -1.32 -5.80 -22.00
CA LYS A 154 -0.35 -4.88 -21.39
C LYS A 154 -0.81 -3.48 -21.74
N PRO A 155 -0.49 -2.50 -20.89
CA PRO A 155 -0.89 -1.11 -21.16
C PRO A 155 -0.17 -0.56 -22.37
N SER A 156 -0.89 -0.01 -23.35
CA SER A 156 -0.25 0.33 -24.64
C SER A 156 0.78 1.46 -24.54
N LEU A 157 0.79 2.21 -23.44
CA LEU A 157 1.88 3.17 -23.13
C LEU A 157 2.94 2.65 -22.17
N GLY A 158 2.68 1.55 -21.49
CA GLY A 158 3.53 1.03 -20.38
C GLY A 158 2.97 1.37 -19.01
N ILE A 159 1.97 2.23 -18.99
CA ILE A 159 1.24 2.62 -17.79
C ILE A 159 -0.24 2.58 -18.15
N TRP A 160 -1.11 2.06 -17.26
CA TRP A 160 -2.60 2.20 -17.46
C TRP A 160 -3.07 3.60 -17.08
N THR A 161 -3.70 4.24 -18.04
CA THR A 161 -4.23 5.57 -17.87
C THR A 161 -5.64 5.50 -17.26
N PRO A 162 -6.00 6.48 -16.39
CA PRO A 162 -7.31 6.52 -15.72
C PRO A 162 -8.49 6.40 -16.67
N GLU A 163 -8.27 6.75 -17.93
CA GLU A 163 -9.24 6.48 -18.96
C GLU A 163 -9.43 5.01 -19.30
N ALA A 164 -8.35 4.23 -19.34
CA ALA A 164 -8.47 2.79 -19.59
C ALA A 164 -9.23 2.17 -18.43
N ILE A 165 -8.82 2.58 -17.23
CA ILE A 165 -9.44 2.12 -15.98
C ILE A 165 -10.95 2.46 -15.88
N CYS A 166 -11.29 3.68 -16.28
CA CYS A 166 -12.67 4.13 -16.41
C CYS A 166 -13.49 3.21 -17.30
N LEU A 167 -12.95 2.94 -18.48
CA LEU A 167 -13.57 2.06 -19.42
C LEU A 167 -13.76 0.66 -18.87
N MET A 168 -12.73 0.09 -18.26
CA MET A 168 -12.87 -1.20 -17.58
C MET A 168 -14.00 -1.19 -16.55
N LYS A 169 -14.04 -0.14 -15.72
CA LYS A 169 -15.06 0.02 -14.69
C LYS A 169 -16.47 0.02 -15.31
N LYS A 170 -16.58 0.67 -16.46
CA LYS A 170 -17.84 0.80 -17.22
C LYS A 170 -18.26 -0.56 -17.80
N LEU A 171 -17.32 -1.36 -18.28
CA LEU A 171 -17.69 -2.68 -18.79
C LEU A 171 -18.18 -3.67 -17.73
N VAL A 172 -17.80 -3.51 -16.47
CA VAL A 172 -18.09 -4.49 -15.42
C VAL A 172 -18.98 -4.00 -14.30
N GLN A 173 -19.30 -2.72 -14.27
CA GLN A 173 -20.11 -2.14 -13.19
C GLN A 173 -21.50 -2.72 -13.09
N ASN A 174 -21.99 -2.93 -11.86
CA ASN A 174 -23.28 -3.54 -11.54
C ASN A 174 -23.64 -4.72 -12.42
N LYS A 175 -22.64 -5.53 -12.74
CA LYS A 175 -22.84 -6.63 -13.66
C LYS A 175 -22.29 -7.93 -13.09
N ILE A 176 -22.91 -9.01 -13.55
CA ILE A 176 -22.47 -10.34 -13.22
C ILE A 176 -21.54 -10.68 -14.37
N ILE A 177 -20.33 -11.13 -14.05
CA ILE A 177 -19.28 -11.38 -14.99
C ILE A 177 -18.89 -12.82 -14.82
N THR A 178 -18.56 -13.48 -15.92
CA THR A 178 -17.90 -14.78 -15.87
C THR A 178 -16.38 -14.53 -15.72
N VAL A 179 -15.81 -15.00 -14.64
CA VAL A 179 -14.35 -14.94 -14.38
C VAL A 179 -13.80 -16.29 -14.71
N LYS A 180 -12.84 -16.35 -15.62
CA LYS A 180 -12.20 -17.59 -15.98
C LYS A 180 -10.73 -17.53 -15.61
N VAL A 181 -10.27 -18.49 -14.83
CA VAL A 181 -8.86 -18.56 -14.39
C VAL A 181 -8.01 -19.13 -15.53
N VAL A 182 -7.12 -18.30 -16.08
CA VAL A 182 -6.19 -18.72 -17.12
C VAL A 182 -4.91 -19.32 -16.50
N ASP A 183 -4.40 -18.71 -15.42
CA ASP A 183 -3.17 -19.18 -14.74
C ASP A 183 -3.13 -18.73 -13.27
N LYS A 184 -2.28 -19.36 -12.48
CA LYS A 184 -2.01 -18.92 -11.11
C LYS A 184 -0.64 -18.23 -10.99
N LEU A 185 -0.63 -17.01 -10.48
CA LEU A 185 0.59 -16.25 -10.25
C LEU A 185 0.88 -16.35 -8.77
N GLU A 186 1.99 -15.75 -8.36
CA GLU A 186 2.43 -15.93 -6.99
C GLU A 186 1.40 -15.43 -5.99
N ASN A 187 0.97 -14.19 -6.10
CA ASN A 187 -0.03 -13.71 -5.16
C ASN A 187 -1.42 -13.46 -5.80
N SER A 188 -1.64 -13.93 -7.03
CA SER A 188 -2.94 -13.67 -7.69
C SER A 188 -3.34 -14.66 -8.79
N SER A 189 -4.54 -14.45 -9.34
CA SER A 189 -5.00 -15.19 -10.51
C SER A 189 -5.02 -14.36 -11.78
N LEU A 190 -4.50 -14.93 -12.87
CA LEU A 190 -4.62 -14.36 -14.18
C LEU A 190 -5.98 -14.82 -14.69
N VAL A 191 -6.82 -13.91 -15.14
CA VAL A 191 -8.22 -14.27 -15.51
C VAL A 191 -8.66 -13.61 -16.80
N GLU A 192 -9.66 -14.19 -17.44
CA GLU A 192 -10.43 -13.49 -18.46
C GLU A 192 -11.72 -13.07 -17.81
N LEU A 193 -12.22 -11.91 -18.19
CA LEU A 193 -13.51 -11.41 -17.73
C LEU A 193 -14.45 -11.36 -18.92
N ILE A 194 -15.58 -12.07 -18.83
CA ILE A 194 -16.46 -12.26 -19.98
C ILE A 194 -17.87 -11.94 -19.57
N ASP A 195 -18.46 -10.96 -20.23
CA ASP A 195 -19.82 -10.60 -19.95
C ASP A 195 -20.66 -11.40 -20.96
N LYS A 196 -21.39 -12.36 -20.43
CA LYS A 196 -22.25 -13.24 -21.22
C LYS A 196 -23.70 -12.72 -21.38
N SER A 197 -23.94 -11.48 -20.94
CA SER A 197 -25.25 -10.85 -21.01
C SER A 197 -25.49 -10.17 -22.34
N GLU A 198 -24.45 -10.07 -23.17
CA GLU A 198 -24.57 -9.60 -24.57
C GLU A 198 -24.42 -10.81 -25.47
N THR A 199 -25.32 -10.94 -26.44
CA THR A 199 -25.45 -12.23 -27.12
C THR A 199 -24.23 -12.61 -27.97
N PRO A 200 -23.52 -11.61 -28.58
CA PRO A 200 -22.11 -11.89 -28.89
C PRO A 200 -21.31 -11.60 -27.59
N HIS A 201 -20.63 -12.61 -27.03
CA HIS A 201 -19.96 -12.43 -25.72
C HIS A 201 -18.80 -11.44 -25.89
N VAL A 202 -18.57 -10.63 -24.85
CA VAL A 202 -17.58 -9.57 -24.86
C VAL A 202 -16.52 -9.80 -23.75
N SER A 203 -15.26 -9.86 -24.19
CA SER A 203 -14.09 -10.05 -23.31
C SER A 203 -13.67 -8.67 -22.92
N VAL A 204 -13.36 -8.48 -21.63
CA VAL A 204 -12.93 -7.18 -21.19
C VAL A 204 -11.58 -6.91 -21.87
N SER A 205 -10.70 -7.92 -21.93
CA SER A 205 -9.40 -7.83 -22.63
C SER A 205 -9.56 -7.30 -24.06
N LYS A 206 -10.45 -7.92 -24.83
CA LYS A 206 -10.64 -7.58 -26.29
C LYS A 206 -11.09 -6.13 -26.50
N VAL A 207 -12.01 -5.65 -25.66
CA VAL A 207 -12.48 -4.28 -25.77
C VAL A 207 -11.35 -3.27 -25.50
N LEU A 208 -10.53 -3.53 -24.48
CA LEU A 208 -9.38 -2.67 -24.20
C LEU A 208 -8.31 -2.65 -25.32
N LEU A 209 -8.05 -3.80 -25.92
CA LEU A 209 -7.24 -3.92 -27.13
C LEU A 209 -7.88 -3.16 -28.31
N ASP A 210 -9.18 -3.34 -28.53
CA ASP A 210 -9.87 -2.64 -29.63
C ASP A 210 -9.89 -1.13 -29.45
N ALA A 211 -9.97 -0.67 -28.21
CA ALA A 211 -10.04 0.77 -27.91
C ALA A 211 -8.68 1.49 -27.88
N GLY A 212 -7.59 0.77 -28.11
CA GLY A 212 -6.26 1.37 -28.12
C GLY A 212 -5.49 1.12 -26.83
N PHE A 213 -6.19 1.10 -25.70
CA PHE A 213 -5.56 1.21 -24.37
C PHE A 213 -4.63 0.05 -24.06
N ALA A 214 -4.90 -1.12 -24.65
CA ALA A 214 -4.09 -2.29 -24.40
C ALA A 214 -3.43 -2.79 -25.64
N VAL A 215 -2.35 -3.54 -25.44
CA VAL A 215 -1.64 -4.29 -26.50
C VAL A 215 -1.50 -5.76 -26.05
N GLY A 216 -1.39 -6.66 -27.02
CA GLY A 216 -1.38 -8.11 -26.77
C GLY A 216 -0.12 -8.69 -26.12
N GLU A 217 -0.28 -9.79 -25.37
CA GLU A 217 0.84 -10.67 -25.00
C GLU A 217 0.44 -12.14 -24.91
N ASN B 15 -2.37 15.27 -16.58
CA ASN B 15 -2.43 13.77 -16.52
C ASN B 15 -1.18 13.07 -17.08
N ASN B 16 -0.52 13.72 -18.05
CA ASN B 16 0.65 13.18 -18.73
C ASN B 16 1.89 14.08 -18.49
N ILE B 17 3.03 13.44 -18.30
CA ILE B 17 4.30 14.10 -18.47
C ILE B 17 5.35 13.13 -18.97
N VAL B 18 6.15 13.60 -19.91
CA VAL B 18 7.10 12.76 -20.61
C VAL B 18 8.47 13.16 -20.12
N VAL B 19 9.31 12.15 -19.84
CA VAL B 19 10.70 12.35 -19.41
C VAL B 19 11.63 11.44 -20.25
N ASP B 20 12.88 11.92 -20.44
CA ASP B 20 13.93 11.22 -21.21
C ASP B 20 14.58 10.17 -20.29
N LYS B 21 14.71 8.94 -20.79
CA LYS B 21 15.38 7.85 -20.06
C LYS B 21 16.82 8.24 -19.70
N SER B 22 17.51 8.87 -20.65
CA SER B 22 18.84 9.43 -20.44
C SER B 22 18.98 10.27 -19.17
N ASP B 23 17.98 11.11 -18.89
CA ASP B 23 18.04 12.07 -17.75
C ASP B 23 18.05 11.41 -16.35
N LEU B 24 17.53 10.18 -16.27
CA LEU B 24 17.51 9.38 -15.04
C LEU B 24 16.67 10.09 -14.00
N ILE B 25 15.44 10.40 -14.38
CA ILE B 25 14.49 11.07 -13.52
C ILE B 25 13.17 10.33 -13.64
N PRO B 26 12.51 9.99 -12.54
CA PRO B 26 12.98 10.23 -11.16
C PRO B 26 14.12 9.27 -10.77
N LYS B 27 15.02 9.73 -9.93
CA LYS B 27 16.15 8.91 -9.47
C LYS B 27 16.07 8.69 -7.99
N VAL B 28 16.29 7.44 -7.61
CA VAL B 28 16.66 7.12 -6.25
C VAL B 28 18.02 7.75 -5.98
N LEU B 29 18.34 7.86 -4.70
CA LEU B 29 19.64 8.35 -4.26
C LEU B 29 20.59 7.17 -4.44
N THR B 30 21.68 7.37 -5.17
CA THR B 30 22.61 6.27 -5.39
C THR B 30 23.58 6.16 -4.20
N LEU B 31 23.64 4.95 -3.66
CA LEU B 31 24.40 4.65 -2.48
C LEU B 31 25.17 3.38 -2.76
N ASN B 32 26.47 3.44 -2.51
CA ASN B 32 27.37 2.30 -2.65
C ASN B 32 27.70 1.65 -1.31
N VAL B 33 28.05 0.37 -1.36
CA VAL B 33 28.47 -0.37 -0.16
C VAL B 33 29.72 0.32 0.44
N GLY B 34 29.72 0.41 1.78
CA GLY B 34 30.68 1.20 2.51
C GLY B 34 30.39 2.69 2.60
N ASP B 35 29.39 3.23 1.87
CA ASP B 35 29.03 4.65 2.03
C ASP B 35 28.55 4.88 3.44
N GLU B 36 28.81 6.07 3.94
CA GLU B 36 28.40 6.47 5.26
C GLU B 36 27.86 7.87 5.23
N PHE B 37 26.82 8.10 6.02
CA PHE B 37 26.33 9.45 6.17
C PHE B 37 25.71 9.63 7.52
N CYS B 38 25.51 10.88 7.89
CA CYS B 38 24.78 11.21 9.08
C CYS B 38 23.36 11.47 8.59
N GLY B 39 22.42 10.93 9.35
CA GLY B 39 21.00 10.91 8.94
C GLY B 39 20.08 10.88 10.11
N VAL B 40 18.78 10.90 9.79
CA VAL B 40 17.73 10.72 10.77
C VAL B 40 16.96 9.49 10.35
N VAL B 41 16.50 8.69 11.29
CA VAL B 41 15.77 7.49 10.97
C VAL B 41 14.31 7.82 11.23
N ALA B 42 13.44 7.36 10.36
CA ALA B 42 12.00 7.67 10.49
C ALA B 42 11.08 6.58 9.90
N HIS B 43 9.83 6.63 10.32
CA HIS B 43 8.82 5.81 9.68
C HIS B 43 9.16 4.35 9.75
N ILE B 44 9.60 3.94 10.94
CA ILE B 44 9.94 2.57 11.23
C ILE B 44 8.67 1.72 11.28
N GLN B 45 8.51 0.80 10.34
CA GLN B 45 7.43 -0.21 10.39
C GLN B 45 8.01 -1.31 11.24
N THR B 46 9.16 -1.82 10.82
CA THR B 46 9.91 -2.76 11.64
C THR B 46 11.38 -2.46 11.40
N PRO B 47 12.25 -3.12 12.18
CA PRO B 47 13.69 -2.99 11.88
C PRO B 47 14.01 -3.48 10.48
N GLU B 48 13.12 -4.26 9.85
CA GLU B 48 13.36 -4.65 8.48
C GLU B 48 12.68 -3.77 7.43
N ASP B 49 12.12 -2.64 7.84
CA ASP B 49 11.35 -1.79 6.96
C ASP B 49 11.26 -0.40 7.58
N PHE B 50 12.24 0.46 7.22
CA PHE B 50 12.25 1.83 7.72
C PHE B 50 12.90 2.73 6.72
N PHE B 51 12.87 4.03 6.94
CA PHE B 51 13.51 4.98 6.05
C PHE B 51 14.53 5.82 6.82
N CYS B 52 15.55 6.27 6.09
CA CYS B 52 16.44 7.32 6.55
C CYS B 52 16.43 8.44 5.56
N GLN B 53 16.84 9.61 6.05
CA GLN B 53 17.15 10.75 5.26
C GLN B 53 18.55 11.20 5.66
N GLN B 54 19.26 11.72 4.68
CA GLN B 54 20.60 12.35 4.89
C GLN B 54 20.43 13.74 5.48
N LEU B 55 21.13 14.08 6.57
CA LEU B 55 21.18 15.50 7.11
C LEU B 55 21.44 16.54 6.03
N GLN B 56 22.36 16.23 5.14
CA GLN B 56 22.74 17.15 4.06
C GLN B 56 21.63 17.46 3.06
N SER B 57 20.55 16.66 3.12
CA SER B 57 19.34 16.93 2.36
C SER B 57 18.49 18.07 2.95
N GLY B 58 18.88 18.65 4.10
CA GLY B 58 18.10 19.74 4.69
C GLY B 58 17.90 20.89 3.72
N ARG B 59 19.01 21.44 3.28
CA ARG B 59 18.99 22.56 2.34
C ARG B 59 18.36 22.27 1.00
N LYS B 60 18.72 21.11 0.45
CA LYS B 60 18.21 20.59 -0.82
C LYS B 60 16.68 20.55 -0.83
N LEU B 61 16.11 20.07 0.28
CA LEU B 61 14.67 19.90 0.39
C LEU B 61 13.99 21.21 0.72
N ALA B 62 14.66 22.10 1.44
CA ALA B 62 14.11 23.42 1.67
C ALA B 62 14.01 24.17 0.36
N GLU B 63 15.04 24.05 -0.48
CA GLU B 63 15.03 24.70 -1.79
C GLU B 63 13.98 24.08 -2.71
N LEU B 64 13.94 22.75 -2.78
CA LEU B 64 12.89 22.04 -3.53
C LEU B 64 11.48 22.46 -3.09
N GLN B 65 11.20 22.44 -1.79
CA GLN B 65 9.91 22.88 -1.32
C GLN B 65 9.59 24.30 -1.78
N ALA B 66 10.55 25.21 -1.62
CA ALA B 66 10.43 26.58 -2.12
C ALA B 66 10.08 26.60 -3.60
N SER B 67 10.76 25.81 -4.42
CA SER B 67 10.42 25.66 -5.84
C SER B 67 9.04 25.02 -6.12
N LEU B 68 8.70 23.99 -5.34
CA LEU B 68 7.39 23.36 -5.48
C LEU B 68 6.30 24.35 -5.14
N SER B 69 6.43 25.02 -4.00
CA SER B 69 5.45 25.98 -3.53
C SER B 69 5.22 27.08 -4.55
N LYS B 70 6.31 27.64 -5.07
CA LYS B 70 6.23 28.61 -6.16
C LYS B 70 5.36 28.07 -7.32
N TYR B 71 5.74 26.91 -7.84
CA TYR B 71 5.10 26.32 -8.98
C TYR B 71 3.62 25.99 -8.70
N CYS B 72 3.38 25.34 -7.57
CA CYS B 72 2.04 24.85 -7.22
C CYS B 72 1.04 25.95 -6.82
N ASP B 73 1.48 26.92 -6.01
CA ASP B 73 0.61 28.01 -5.51
C ASP B 73 0.26 29.05 -6.60
N GLN B 74 0.98 29.03 -7.72
CA GLN B 74 0.69 29.88 -8.90
C GLN B 74 -0.48 29.33 -9.69
N LEU B 75 -0.67 28.01 -9.64
CA LEU B 75 -1.67 27.35 -10.44
C LEU B 75 -3.09 27.60 -9.95
N PRO B 76 -4.03 27.79 -10.90
CA PRO B 76 -5.45 27.71 -10.53
C PRO B 76 -5.87 26.25 -10.22
N PRO B 77 -6.88 26.06 -9.33
CA PRO B 77 -7.37 24.69 -9.06
C PRO B 77 -8.04 24.02 -10.27
N ARG B 78 -8.05 22.69 -10.28
CA ARG B 78 -8.47 21.92 -11.44
C ARG B 78 -9.33 20.73 -11.02
N SER B 79 -10.41 20.48 -11.76
CA SER B 79 -11.35 19.41 -11.43
C SER B 79 -10.97 18.04 -12.00
N ASP B 80 -10.10 18.03 -13.01
CA ASP B 80 -9.93 16.89 -13.93
C ASP B 80 -8.50 16.29 -13.91
N PHE B 81 -7.77 16.43 -12.80
CA PHE B 81 -6.44 15.82 -12.67
C PHE B 81 -6.59 14.44 -12.05
N TYR B 82 -6.12 13.44 -12.78
CA TYR B 82 -6.16 12.04 -12.36
C TYR B 82 -4.82 11.43 -12.69
N PRO B 83 -3.88 11.48 -11.72
CA PRO B 83 -2.62 10.84 -11.97
C PRO B 83 -2.76 9.33 -12.06
N ALA B 84 -1.81 8.70 -12.73
CA ALA B 84 -1.74 7.26 -12.80
C ALA B 84 -0.92 6.69 -11.64
N ILE B 85 -1.23 5.43 -11.26
CA ILE B 85 -0.48 4.70 -10.24
C ILE B 85 0.96 4.65 -10.70
N GLY B 86 1.86 5.05 -9.82
CA GLY B 86 3.25 5.11 -10.13
C GLY B 86 3.75 6.45 -10.60
N ASP B 87 2.88 7.42 -10.86
CA ASP B 87 3.34 8.74 -11.18
C ASP B 87 3.89 9.44 -9.96
N ILE B 88 4.87 10.31 -10.18
CA ILE B 88 5.20 11.32 -9.19
C ILE B 88 4.38 12.54 -9.50
N CYS B 89 3.76 13.13 -8.51
CA CYS B 89 3.10 14.40 -8.61
C CYS B 89 3.48 15.26 -7.38
N CYS B 90 2.86 16.43 -7.22
CA CYS B 90 2.90 17.22 -6.01
C CYS B 90 1.71 16.95 -5.11
N ALA B 91 1.94 16.96 -3.82
CA ALA B 91 0.89 16.75 -2.83
C ALA B 91 1.04 17.69 -1.62
N GLN B 92 -0.09 18.24 -1.21
CA GLN B 92 -0.14 19.14 -0.10
C GLN B 92 -0.37 18.33 1.19
N PHE B 93 0.69 18.18 1.97
CA PHE B 93 0.72 17.38 3.17
C PHE B 93 -0.35 17.88 4.15
N SER B 94 -1.12 16.96 4.71
CA SER B 94 -2.26 17.33 5.57
C SER B 94 -1.79 18.06 6.82
N GLU B 95 -0.59 17.74 7.31
CA GLU B 95 -0.14 18.26 8.59
C GLU B 95 0.31 19.71 8.52
N ASP B 96 0.91 20.16 7.43
CA ASP B 96 1.42 21.54 7.34
C ASP B 96 0.95 22.35 6.13
N ASP B 97 0.06 21.77 5.31
CA ASP B 97 -0.39 22.33 4.02
C ASP B 97 0.70 22.77 3.05
N GLN B 98 1.88 22.18 3.18
CA GLN B 98 2.99 22.51 2.35
C GLN B 98 3.08 21.49 1.23
N TRP B 99 3.72 21.87 0.14
CA TRP B 99 3.81 21.06 -1.08
C TRP B 99 5.05 20.15 -1.08
N TYR B 100 4.86 18.86 -1.37
CA TYR B 100 5.91 17.84 -1.42
C TYR B 100 5.77 16.97 -2.64
N ARG B 101 6.84 16.22 -2.95
CA ARG B 101 6.81 15.22 -4.04
C ARG B 101 6.19 13.89 -3.57
N ALA B 102 5.15 13.41 -4.28
CA ALA B 102 4.44 12.24 -3.87
C ALA B 102 4.44 11.20 -4.99
N SER B 103 4.47 9.94 -4.61
CA SER B 103 4.25 8.87 -5.51
C SER B 103 2.79 8.41 -5.36
N VAL B 104 2.11 8.22 -6.48
CA VAL B 104 0.74 7.75 -6.44
C VAL B 104 0.78 6.23 -6.33
N LEU B 105 0.42 5.73 -5.17
CA LEU B 105 0.53 4.30 -4.90
C LEU B 105 -0.76 3.58 -5.21
N ALA B 106 -1.87 4.23 -5.05
CA ALA B 106 -3.17 3.57 -5.27
C ALA B 106 -4.30 4.60 -5.16
N TYR B 107 -5.44 4.28 -5.75
CA TYR B 107 -6.64 5.04 -5.49
C TYR B 107 -7.40 4.48 -4.30
N ALA B 108 -7.68 5.31 -3.30
CA ALA B 108 -8.49 4.90 -2.16
C ALA B 108 -10.00 5.02 -2.47
N SER B 109 -10.38 5.94 -3.34
CA SER B 109 -11.75 6.05 -3.82
C SER B 109 -11.55 6.69 -5.16
N GLU B 110 -12.67 6.90 -5.86
CA GLU B 110 -12.69 7.62 -7.13
C GLU B 110 -11.93 8.97 -7.09
N GLU B 111 -12.00 9.70 -5.96
CA GLU B 111 -11.49 11.07 -5.88
C GLU B 111 -10.38 11.24 -4.78
N SER B 112 -9.80 10.15 -4.29
CA SER B 112 -8.71 10.19 -3.28
C SER B 112 -7.67 9.14 -3.62
N VAL B 113 -6.43 9.40 -3.14
CA VAL B 113 -5.30 8.64 -3.52
C VAL B 113 -4.41 8.43 -2.29
N LEU B 114 -3.84 7.23 -2.21
CA LEU B 114 -2.75 6.93 -1.31
C LEU B 114 -1.45 7.38 -1.97
N VAL B 115 -0.84 8.34 -1.31
CA VAL B 115 0.42 8.93 -1.74
C VAL B 115 1.57 8.58 -0.78
N GLY B 116 2.73 8.29 -1.35
CA GLY B 116 3.96 8.09 -0.57
C GLY B 116 4.81 9.31 -0.76
N TYR B 117 5.32 9.86 0.34
CA TYR B 117 6.18 11.07 0.23
C TYR B 117 7.62 10.65 -0.02
N VAL B 118 8.07 10.78 -1.27
CA VAL B 118 9.28 10.14 -1.76
C VAL B 118 10.57 10.77 -1.20
N ASP B 119 10.45 11.95 -0.60
CA ASP B 119 11.58 12.61 0.05
C ASP B 119 11.63 12.43 1.56
N TYR B 120 10.63 11.75 2.13
CA TYR B 120 10.46 11.62 3.58
C TYR B 120 10.22 10.17 3.99
N GLY B 121 9.23 9.53 3.40
CA GLY B 121 8.98 8.14 3.71
C GLY B 121 7.59 7.85 4.26
N ASN B 122 6.92 8.85 4.78
CA ASN B 122 5.59 8.67 5.32
C ASN B 122 4.61 8.57 4.15
N PHE B 123 3.38 8.26 4.50
CA PHE B 123 2.33 8.13 3.44
C PHE B 123 1.03 8.57 4.04
N GLU B 124 0.08 8.95 3.14
CA GLU B 124 -1.27 9.24 3.59
C GLU B 124 -2.25 9.14 2.43
N ILE B 125 -3.54 9.25 2.75
CA ILE B 125 -4.62 9.26 1.71
C ILE B 125 -5.06 10.69 1.61
N LEU B 126 -4.95 11.25 0.41
CA LEU B 126 -5.42 12.60 0.14
C LEU B 126 -6.52 12.65 -0.91
N SER B 127 -7.42 13.60 -0.75
CA SER B 127 -8.25 14.02 -1.85
C SER B 127 -7.41 14.49 -3.03
N LEU B 128 -7.91 14.20 -4.25
CA LEU B 128 -7.25 14.66 -5.47
C LEU B 128 -7.12 16.20 -5.53
N MET B 129 -7.95 16.91 -4.77
CA MET B 129 -7.90 18.37 -4.70
C MET B 129 -6.59 18.87 -4.07
N ARG B 130 -5.96 18.05 -3.23
CA ARG B 130 -4.65 18.40 -2.63
C ARG B 130 -3.45 17.94 -3.45
N LEU B 131 -3.64 17.57 -4.72
CA LEU B 131 -2.54 17.24 -5.64
C LEU B 131 -2.39 18.26 -6.79
N CYS B 132 -1.15 18.56 -7.23
CA CYS B 132 -0.84 19.24 -8.53
C CYS B 132 -0.08 18.22 -9.43
N PRO B 133 -0.20 18.33 -10.76
CA PRO B 133 0.83 17.67 -11.58
C PRO B 133 2.21 18.26 -11.27
N ILE B 134 3.25 17.51 -11.57
CA ILE B 134 4.63 18.01 -11.36
C ILE B 134 5.19 18.31 -12.75
N ILE B 135 6.29 19.05 -12.81
CA ILE B 135 7.06 19.25 -14.05
C ILE B 135 8.42 18.57 -14.02
N PRO B 136 8.93 18.16 -15.22
CA PRO B 136 10.21 17.50 -15.27
C PRO B 136 11.34 18.13 -14.46
N LYS B 137 11.42 19.47 -14.46
CA LYS B 137 12.51 20.18 -13.80
C LYS B 137 12.58 19.87 -12.29
N LEU B 138 11.42 19.66 -11.68
CA LEU B 138 11.32 19.41 -10.24
C LEU B 138 11.57 17.93 -9.86
N LEU B 139 11.84 17.06 -10.86
CA LEU B 139 12.28 15.67 -10.65
C LEU B 139 13.84 15.49 -10.65
N GLU B 140 14.55 16.59 -10.89
CA GLU B 140 16.02 16.55 -10.98
C GLU B 140 16.61 16.04 -9.66
N LEU B 141 16.15 16.60 -8.54
CA LEU B 141 16.74 16.26 -7.26
C LEU B 141 16.45 14.78 -6.99
N PRO B 142 17.49 13.98 -6.66
CA PRO B 142 17.07 12.60 -6.27
C PRO B 142 16.08 12.51 -5.08
N MET B 143 15.36 11.39 -5.05
CA MET B 143 14.37 11.16 -4.02
C MET B 143 15.14 10.88 -2.72
N GLN B 144 14.81 11.63 -1.67
CA GLN B 144 15.63 11.67 -0.48
C GLN B 144 15.22 10.63 0.54
N ALA B 145 14.07 9.94 0.41
CA ALA B 145 13.77 8.88 1.40
C ALA B 145 14.49 7.62 1.01
N ILE B 146 15.44 7.15 1.86
CA ILE B 146 16.22 5.96 1.59
C ILE B 146 15.57 4.82 2.33
N LYS B 147 15.06 3.82 1.61
CA LYS B 147 14.42 2.67 2.22
C LYS B 147 15.50 1.73 2.70
N CYS B 148 15.33 1.24 3.92
CA CYS B 148 16.44 0.52 4.60
C CYS B 148 15.94 -0.75 5.27
N VAL B 149 16.86 -1.68 5.49
CA VAL B 149 16.68 -2.87 6.28
C VAL B 149 17.89 -2.90 7.22
N LEU B 150 17.67 -3.30 8.47
CA LEU B 150 18.70 -3.28 9.45
C LEU B 150 19.55 -4.51 9.22
N ALA B 151 20.85 -4.27 9.09
CA ALA B 151 21.86 -5.34 8.97
C ALA B 151 21.93 -6.20 10.23
N GLY B 152 21.78 -7.51 10.02
CA GLY B 152 22.22 -8.54 10.97
C GLY B 152 21.18 -9.00 11.97
N VAL B 153 19.91 -8.92 11.60
CA VAL B 153 18.83 -9.17 12.53
C VAL B 153 17.65 -9.83 11.87
N LYS B 154 16.99 -10.70 12.65
CA LYS B 154 15.74 -11.33 12.27
C LYS B 154 14.87 -11.37 13.52
N PRO B 155 13.52 -11.36 13.35
CA PRO B 155 12.62 -11.21 14.49
C PRO B 155 12.63 -12.50 15.36
N SER B 156 13.38 -12.45 16.47
CA SER B 156 13.81 -13.65 17.24
C SER B 156 12.82 -14.81 17.31
N LEU B 157 11.56 -14.50 17.62
CA LEU B 157 10.51 -15.52 17.70
C LEU B 157 9.41 -15.25 16.67
N GLY B 158 9.84 -15.04 15.42
CA GLY B 158 8.93 -14.98 14.27
C GLY B 158 8.52 -13.59 13.84
N ILE B 159 8.04 -12.79 14.79
CA ILE B 159 7.51 -11.46 14.53
C ILE B 159 8.32 -10.45 15.35
N TRP B 160 8.24 -9.18 14.93
CA TRP B 160 8.74 -8.08 15.73
C TRP B 160 7.68 -7.69 16.77
N THR B 161 8.00 -7.95 18.03
CA THR B 161 7.14 -7.61 19.16
C THR B 161 7.04 -6.09 19.28
N PRO B 162 5.88 -5.56 19.74
CA PRO B 162 5.77 -4.10 19.93
C PRO B 162 6.92 -3.48 20.76
N GLU B 163 7.43 -4.23 21.76
CA GLU B 163 8.54 -3.76 22.60
C GLU B 163 9.84 -3.61 21.82
N ALA B 164 10.09 -4.55 20.91
CA ALA B 164 11.25 -4.51 20.00
C ALA B 164 11.24 -3.26 19.08
N ILE B 165 10.09 -3.03 18.44
CA ILE B 165 9.90 -1.93 17.49
C ILE B 165 9.93 -0.58 18.21
N CYS B 166 9.33 -0.55 19.40
CA CYS B 166 9.35 0.60 20.28
C CYS B 166 10.75 0.90 20.85
N LEU B 167 11.52 -0.14 21.22
CA LEU B 167 12.93 0.03 21.55
C LEU B 167 13.69 0.62 20.34
N MET B 168 13.44 0.10 19.13
CA MET B 168 14.13 0.64 17.95
C MET B 168 13.90 2.13 17.80
N LYS B 169 12.62 2.50 17.88
CA LYS B 169 12.23 3.92 17.82
C LYS B 169 12.94 4.75 18.87
N LYS B 170 12.93 4.26 20.11
CA LYS B 170 13.57 4.95 21.23
C LYS B 170 15.03 5.22 20.95
N LEU B 171 15.73 4.25 20.34
CA LEU B 171 17.18 4.38 20.14
C LEU B 171 17.52 5.42 19.10
N VAL B 172 16.62 5.65 18.14
CA VAL B 172 16.96 6.57 17.07
C VAL B 172 16.21 7.90 17.12
N GLN B 173 15.28 8.04 18.08
CA GLN B 173 14.38 9.21 18.16
C GLN B 173 15.13 10.48 18.48
N ASN B 174 14.84 11.54 17.73
CA ASN B 174 15.51 12.85 17.90
C ASN B 174 17.04 12.76 17.87
N LYS B 175 17.59 11.84 17.09
CA LYS B 175 19.05 11.68 17.08
C LYS B 175 19.58 11.66 15.69
N ILE B 176 20.78 12.23 15.55
CA ILE B 176 21.58 12.13 14.34
C ILE B 176 22.33 10.82 14.43
N ILE B 177 22.08 9.93 13.47
CA ILE B 177 22.55 8.57 13.51
C ILE B 177 23.52 8.42 12.38
N THR B 178 24.60 7.64 12.57
CA THR B 178 25.50 7.30 11.48
C THR B 178 25.01 6.04 10.81
N VAL B 179 24.68 6.20 9.53
CA VAL B 179 24.17 5.13 8.71
C VAL B 179 25.26 4.63 7.82
N LYS B 180 25.50 3.34 7.88
CA LYS B 180 26.51 2.72 7.04
C LYS B 180 25.85 1.70 6.11
N VAL B 181 26.06 1.85 4.82
CA VAL B 181 25.51 0.89 3.84
C VAL B 181 26.44 -0.32 3.81
N VAL B 182 25.90 -1.49 4.18
CA VAL B 182 26.65 -2.76 4.15
C VAL B 182 26.23 -3.73 3.04
N ASP B 183 25.04 -3.56 2.46
CA ASP B 183 24.64 -4.32 1.28
C ASP B 183 23.57 -3.57 0.49
N LYS B 184 23.49 -3.88 -0.80
CA LYS B 184 22.42 -3.41 -1.66
C LYS B 184 21.45 -4.57 -1.77
N LEU B 185 20.17 -4.28 -1.58
CA LEU B 185 19.15 -5.26 -1.78
C LEU B 185 18.34 -4.74 -2.94
N GLU B 186 17.30 -5.48 -3.30
CA GLU B 186 16.34 -5.03 -4.32
C GLU B 186 15.48 -3.98 -3.60
N ASN B 187 15.44 -2.77 -4.15
CA ASN B 187 14.61 -1.65 -3.61
C ASN B 187 15.05 -1.01 -2.28
N SER B 188 16.15 -1.48 -1.68
CA SER B 188 16.57 -0.98 -0.38
C SER B 188 18.05 -1.21 -0.05
N SER B 189 18.50 -0.48 0.95
CA SER B 189 19.84 -0.63 1.45
C SER B 189 19.80 -1.36 2.78
N LEU B 190 20.68 -2.35 2.90
CA LEU B 190 20.93 -3.01 4.19
C LEU B 190 21.97 -2.13 4.92
N VAL B 191 21.71 -1.80 6.19
CA VAL B 191 22.46 -0.74 6.86
C VAL B 191 22.79 -1.06 8.30
N GLU B 192 23.90 -0.49 8.77
CA GLU B 192 24.20 -0.42 10.18
C GLU B 192 23.80 0.97 10.63
N LEU B 193 23.30 1.05 11.83
CA LEU B 193 22.90 2.32 12.42
C LEU B 193 23.75 2.50 13.66
N ILE B 194 24.51 3.58 13.71
CA ILE B 194 25.40 3.82 14.87
C ILE B 194 25.02 5.14 15.50
N ASP B 195 24.66 5.10 16.77
CA ASP B 195 24.45 6.33 17.52
C ASP B 195 25.78 6.76 18.17
N LYS B 196 26.27 7.93 17.76
CA LYS B 196 27.47 8.56 18.33
C LYS B 196 27.16 9.68 19.36
N SER B 197 25.92 9.70 19.84
CA SER B 197 25.49 10.48 21.01
C SER B 197 26.22 10.07 22.24
N GLU B 198 26.51 8.76 22.36
CA GLU B 198 27.37 8.21 23.43
C GLU B 198 28.77 7.90 22.87
N HIS B 201 29.59 4.59 21.76
CA HIS B 201 28.89 4.43 20.49
C HIS B 201 27.95 3.23 20.50
N VAL B 202 26.67 3.48 20.23
CA VAL B 202 25.63 2.46 20.36
C VAL B 202 25.22 2.02 18.94
N SER B 203 25.48 0.75 18.62
CA SER B 203 24.97 0.10 17.41
C SER B 203 23.56 -0.37 17.68
N VAL B 204 22.65 -0.12 16.74
CA VAL B 204 21.22 -0.38 16.98
C VAL B 204 20.96 -1.87 17.01
N SER B 205 21.46 -2.60 16.03
CA SER B 205 21.30 -4.06 15.97
C SER B 205 21.86 -4.77 17.23
N LYS B 206 22.95 -4.22 17.76
CA LYS B 206 23.63 -4.76 18.93
C LYS B 206 22.78 -4.67 20.18
N VAL B 207 22.13 -3.53 20.40
CA VAL B 207 21.23 -3.34 21.56
C VAL B 207 20.04 -4.31 21.54
N LEU B 208 19.55 -4.60 20.34
CA LEU B 208 18.40 -5.50 20.13
C LEU B 208 18.72 -6.97 20.42
N LEU B 209 19.93 -7.41 20.07
CA LEU B 209 20.39 -8.77 20.35
C LEU B 209 20.56 -8.99 21.87
N ASP B 210 21.05 -7.97 22.58
CA ASP B 210 21.37 -8.08 24.01
C ASP B 210 20.13 -7.86 24.88
N ALA B 211 19.17 -7.12 24.35
CA ALA B 211 17.81 -7.10 24.92
C ALA B 211 16.98 -8.36 24.57
N GLY B 212 17.54 -9.24 23.73
CA GLY B 212 16.94 -10.54 23.43
C GLY B 212 15.78 -10.47 22.45
N PHE B 213 15.81 -9.48 21.56
CA PHE B 213 14.75 -9.27 20.55
C PHE B 213 15.17 -9.69 19.12
N ALA B 214 16.34 -10.32 18.99
CA ALA B 214 16.80 -10.85 17.71
C ALA B 214 17.77 -12.00 17.93
N GLY C 7 -21.75 -2.30 -2.74
CA GLY C 7 -23.04 -2.59 -2.04
C GLY C 7 -22.89 -2.87 -0.54
N GLY C 9 -23.47 -4.39 3.49
CA GLY C 9 -24.42 -4.00 4.54
C GLY C 9 -24.07 -2.76 5.34
#